data_4J2L
#
_entry.id   4J2L
#
_cell.length_a   53.500
_cell.length_b   53.500
_cell.length_c   276.212
_cell.angle_alpha   90.00
_cell.angle_beta   90.00
_cell.angle_gamma   90.00
#
_symmetry.space_group_name_H-M   'P 43 2 2'
#
loop_
_entity.id
_entity.type
_entity.pdbx_description
1 polymer Ataxin-1
2 polymer 'Protein capicua homolog'
#
loop_
_entity_poly.entity_id
_entity_poly.type
_entity_poly.pdbx_seq_one_letter_code
_entity_poly.pdbx_strand_id
1 'polypeptide(L)'
;EFSPAAAPPTLPPYFMKGSIIQLANGELKKVEDLKTEDFIQSAEISNDLKIDSSTVERIEDSHSPGVAVIQFAVGEHRAQ
VSVEVLVEYPFFVFGQGWSSCCPERTSQLFDLPCSKLSVGDVCISLTLK
;
A,B
2 'polypeptide(L)' MFVWTNVEPRSVAVFPWHSLVPFLAPSQ C,D
#
# COMPACT_ATOMS: atom_id res chain seq x y z
N PRO A 9 15.28 -16.12 22.48
CA PRO A 9 14.46 -15.21 21.63
C PRO A 9 13.25 -15.93 20.99
N THR A 10 12.15 -15.22 20.74
CA THR A 10 10.97 -15.84 20.11
C THR A 10 10.71 -15.40 18.69
N LEU A 11 10.01 -16.23 17.94
CA LEU A 11 9.67 -15.91 16.56
C LEU A 11 8.64 -14.79 16.39
N PRO A 12 8.90 -13.89 15.43
CA PRO A 12 8.07 -12.75 15.06
C PRO A 12 7.01 -13.16 14.05
N PRO A 13 5.77 -12.78 14.32
CA PRO A 13 4.67 -13.12 13.42
C PRO A 13 4.75 -12.57 12.02
N TYR A 14 5.22 -11.35 11.86
CA TYR A 14 5.26 -10.73 10.54
C TYR A 14 5.95 -11.48 9.40
N PHE A 15 6.73 -12.49 9.71
CA PHE A 15 7.33 -13.22 8.62
C PHE A 15 6.29 -14.13 7.98
N MET A 16 5.24 -14.43 8.73
CA MET A 16 4.16 -15.28 8.25
C MET A 16 3.59 -14.80 6.94
N LYS A 17 3.52 -15.66 5.94
CA LYS A 17 2.97 -15.30 4.64
C LYS A 17 1.57 -14.66 4.71
N GLY A 18 1.30 -13.68 3.86
CA GLY A 18 -0.01 -13.06 3.90
C GLY A 18 0.02 -11.86 4.83
N SER A 19 1.15 -11.67 5.49
CA SER A 19 1.35 -10.55 6.40
C SER A 19 1.53 -9.30 5.54
N ILE A 20 0.89 -8.19 5.94
CA ILE A 20 1.01 -6.98 5.14
C ILE A 20 2.00 -6.06 5.78
N ILE A 21 2.92 -5.59 4.95
CA ILE A 21 4.02 -4.73 5.39
C ILE A 21 3.86 -3.37 4.81
N GLN A 22 3.97 -2.37 5.70
CA GLN A 22 3.86 -0.97 5.29
C GLN A 22 5.24 -0.50 4.86
N LEU A 23 5.35 -0.01 3.64
CA LEU A 23 6.66 0.46 3.14
C LEU A 23 6.99 1.86 3.59
N ALA A 24 7.92 2.49 2.89
CA ALA A 24 8.33 3.85 3.22
C ALA A 24 7.21 4.81 2.80
N ASN A 25 6.72 4.64 1.57
CA ASN A 25 5.66 5.48 1.02
C ASN A 25 4.25 5.13 1.49
N GLY A 26 4.15 4.38 2.57
CA GLY A 26 2.86 3.99 3.10
C GLY A 26 2.25 2.85 2.31
N GLU A 27 2.89 2.48 1.20
CA GLU A 27 2.43 1.40 0.35
C GLU A 27 2.29 0.08 1.09
N LEU A 28 1.36 -0.75 0.65
CA LEU A 28 1.13 -2.05 1.31
C LEU A 28 1.47 -3.30 0.48
N LYS A 29 2.35 -4.13 1.04
CA LYS A 29 2.78 -5.34 0.37
C LYS A 29 2.70 -6.52 1.29
N LYS A 30 2.59 -7.70 0.70
CA LYS A 30 2.56 -8.92 1.50
C LYS A 30 4.03 -9.32 1.61
N VAL A 31 4.40 -9.74 2.80
CA VAL A 31 5.76 -10.15 3.10
C VAL A 31 6.36 -11.05 2.03
N GLU A 32 5.58 -12.02 1.57
CA GLU A 32 6.02 -12.94 0.52
C GLU A 32 6.23 -12.27 -0.85
N ASP A 33 6.03 -10.96 -0.96
CA ASP A 33 6.19 -10.33 -2.27
C ASP A 33 7.27 -9.29 -2.27
N LEU A 34 7.77 -8.98 -1.09
CA LEU A 34 8.81 -7.99 -0.97
C LEU A 34 10.05 -8.39 -1.74
N LYS A 35 10.55 -7.47 -2.55
CA LYS A 35 11.78 -7.70 -3.30
C LYS A 35 12.84 -6.80 -2.76
N THR A 36 14.00 -6.82 -3.39
CA THR A 36 15.09 -6.00 -2.91
C THR A 36 14.79 -4.54 -3.07
N GLU A 37 14.45 -4.15 -4.30
CA GLU A 37 14.13 -2.77 -4.63
C GLU A 37 13.23 -2.16 -3.56
N ASP A 38 12.26 -2.94 -3.10
CA ASP A 38 11.33 -2.47 -2.09
C ASP A 38 12.04 -1.92 -0.85
N PHE A 39 13.13 -2.54 -0.46
CA PHE A 39 13.89 -2.11 0.71
C PHE A 39 14.72 -0.90 0.34
N ILE A 40 15.38 -0.97 -0.82
CA ILE A 40 16.21 0.14 -1.27
C ILE A 40 15.44 1.44 -1.40
N GLN A 41 14.38 1.44 -2.19
CA GLN A 41 13.58 2.64 -2.38
C GLN A 41 13.02 3.12 -1.06
N SER A 42 12.54 2.17 -0.28
CA SER A 42 11.98 2.45 1.01
C SER A 42 12.99 3.17 1.90
N ALA A 43 14.26 2.86 1.72
CA ALA A 43 15.31 3.50 2.50
C ALA A 43 15.68 4.85 1.90
N GLU A 44 15.77 4.93 0.58
CA GLU A 44 16.14 6.18 -0.05
C GLU A 44 15.08 7.26 0.17
N ILE A 45 13.88 6.83 0.56
CA ILE A 45 12.76 7.74 0.81
C ILE A 45 12.83 8.22 2.25
N SER A 46 13.06 7.28 3.16
CA SER A 46 13.17 7.61 4.57
C SER A 46 14.37 8.55 4.80
N ASN A 47 14.18 9.64 5.55
CA ASN A 47 15.28 10.57 5.81
C ASN A 47 16.07 10.17 7.07
N ASP A 48 15.45 9.32 7.88
CA ASP A 48 16.01 8.83 9.12
C ASP A 48 16.87 7.58 8.95
N LEU A 49 16.26 6.53 8.41
CA LEU A 49 16.94 5.24 8.21
C LEU A 49 17.81 5.15 6.98
N LYS A 50 18.81 4.27 7.07
CA LYS A 50 19.79 4.04 6.00
C LYS A 50 20.02 2.52 5.85
N ILE A 51 20.37 2.07 4.65
CA ILE A 51 20.60 0.64 4.45
C ILE A 51 22.05 0.32 4.68
N ASP A 52 22.33 -0.90 5.14
CA ASP A 52 23.72 -1.28 5.36
C ASP A 52 23.90 -2.76 5.08
N SER A 53 24.86 -3.07 4.21
CA SER A 53 25.18 -4.46 3.86
C SER A 53 25.79 -5.14 5.07
N SER A 54 25.37 -6.36 5.33
CA SER A 54 25.94 -7.07 6.45
C SER A 54 26.36 -8.45 6.01
N THR A 55 27.44 -8.49 5.24
CA THR A 55 27.97 -9.74 4.77
C THR A 55 28.25 -10.68 5.92
N VAL A 56 27.93 -11.96 5.73
CA VAL A 56 28.16 -12.94 6.75
C VAL A 56 29.63 -13.36 6.77
N GLU A 57 30.14 -13.67 7.96
CA GLU A 57 31.52 -14.10 8.12
C GLU A 57 31.59 -15.45 8.82
N ARG A 58 30.67 -15.66 9.74
CA ARG A 58 30.66 -16.91 10.48
C ARG A 58 29.31 -17.23 11.04
N ILE A 59 28.95 -18.50 10.92
CA ILE A 59 27.68 -18.98 11.43
C ILE A 59 28.06 -20.09 12.40
N GLU A 60 28.37 -19.69 13.63
CA GLU A 60 28.72 -20.70 14.57
C GLU A 60 27.43 -21.17 15.21
N ASP A 61 26.73 -22.14 14.58
CA ASP A 61 25.55 -22.63 15.22
C ASP A 61 25.98 -23.35 16.42
N SER A 62 25.90 -22.48 17.38
CA SER A 62 26.27 -22.55 18.71
C SER A 62 25.57 -23.28 19.87
N HIS A 63 25.76 -22.56 20.98
CA HIS A 63 25.33 -22.78 22.34
C HIS A 63 24.22 -23.65 22.86
N SER A 64 23.04 -23.07 22.76
CA SER A 64 21.82 -23.65 23.27
C SER A 64 20.95 -24.23 22.15
N PRO A 65 19.76 -24.75 22.51
CA PRO A 65 18.80 -25.35 21.59
C PRO A 65 18.27 -24.52 20.43
N GLY A 66 18.54 -25.00 19.21
CA GLY A 66 18.08 -24.35 17.99
C GLY A 66 18.34 -22.88 17.75
N VAL A 67 19.31 -22.30 18.47
CA VAL A 67 19.66 -20.90 18.32
C VAL A 67 21.00 -20.81 17.58
N ALA A 68 21.28 -19.69 16.92
CA ALA A 68 22.54 -19.57 16.20
C ALA A 68 23.21 -18.22 16.43
N VAL A 69 24.51 -18.14 16.12
CA VAL A 69 25.24 -16.90 16.29
C VAL A 69 25.89 -16.56 14.95
N ILE A 70 25.57 -15.40 14.44
CA ILE A 70 26.07 -15.01 13.14
C ILE A 70 26.89 -13.75 13.22
N GLN A 71 28.01 -13.74 12.51
CA GLN A 71 28.85 -12.57 12.49
C GLN A 71 28.87 -11.92 11.13
N PHE A 72 28.81 -10.60 11.15
CA PHE A 72 28.76 -9.84 9.93
C PHE A 72 29.88 -8.84 9.87
N ALA A 73 30.18 -8.42 8.64
CA ALA A 73 31.16 -7.42 8.36
C ALA A 73 30.32 -6.23 7.94
N VAL A 74 29.92 -5.44 8.92
CA VAL A 74 29.10 -4.27 8.66
C VAL A 74 29.93 -3.03 8.37
N GLY A 75 29.28 -1.97 7.92
CA GLY A 75 30.01 -0.75 7.62
C GLY A 75 30.97 -0.87 6.43
N GLU A 76 31.44 0.28 5.98
CA GLU A 76 32.35 0.37 4.84
C GLU A 76 33.77 0.07 5.29
N HIS A 77 33.90 -0.59 6.43
CA HIS A 77 35.20 -0.91 6.99
C HIS A 77 35.26 -2.36 7.44
N ARG A 78 34.11 -3.02 7.41
CA ARG A 78 33.98 -4.43 7.81
C ARG A 78 33.95 -4.63 9.32
N ALA A 79 33.19 -3.79 10.00
CA ALA A 79 33.07 -3.89 11.46
C ALA A 79 32.68 -5.31 11.81
N GLN A 80 33.32 -5.88 12.83
CA GLN A 80 33.05 -7.25 13.26
C GLN A 80 31.81 -7.31 14.16
N VAL A 81 30.66 -7.63 13.58
CA VAL A 81 29.42 -7.68 14.34
C VAL A 81 28.92 -9.08 14.61
N SER A 82 28.13 -9.21 15.67
CA SER A 82 27.58 -10.50 16.06
C SER A 82 26.07 -10.42 16.28
N VAL A 83 25.41 -11.57 16.20
CA VAL A 83 23.97 -11.62 16.42
C VAL A 83 23.54 -13.00 16.92
N GLU A 84 22.43 -13.05 17.64
CA GLU A 84 21.94 -14.29 18.22
C GLU A 84 20.45 -14.51 17.96
N VAL A 85 20.13 -15.22 16.88
CA VAL A 85 18.75 -15.48 16.53
C VAL A 85 18.48 -16.97 16.28
N LEU A 86 17.22 -17.38 16.45
CA LEU A 86 16.81 -18.77 16.21
C LEU A 86 17.27 -19.14 14.80
N VAL A 87 17.56 -20.41 14.56
CA VAL A 87 18.04 -20.83 13.24
C VAL A 87 17.11 -20.54 12.07
N GLU A 88 15.80 -20.58 12.32
CA GLU A 88 14.82 -20.30 11.29
C GLU A 88 14.67 -18.81 10.98
N TYR A 89 15.36 -17.94 11.72
CA TYR A 89 15.29 -16.49 11.47
C TYR A 89 15.74 -16.15 10.06
N PRO A 90 14.87 -15.45 9.31
CA PRO A 90 15.13 -15.05 7.93
C PRO A 90 15.95 -13.80 7.69
N PHE A 91 16.79 -13.85 6.67
CA PHE A 91 17.63 -12.72 6.33
C PHE A 91 17.38 -12.29 4.87
N PHE A 92 17.27 -10.99 4.63
CA PHE A 92 17.01 -10.68 3.24
C PHE A 92 18.27 -10.45 2.41
N VAL A 93 18.75 -11.52 1.82
CA VAL A 93 19.94 -11.43 0.98
C VAL A 93 19.71 -10.55 -0.29
N PHE A 94 20.66 -9.67 -0.59
CA PHE A 94 20.51 -8.81 -1.75
C PHE A 94 20.21 -9.47 -3.07
N GLY A 95 18.98 -9.25 -3.54
CA GLY A 95 18.56 -9.76 -4.82
C GLY A 95 18.29 -11.23 -4.86
N GLN A 96 18.33 -11.89 -3.71
CA GLN A 96 18.10 -13.34 -3.65
C GLN A 96 17.12 -13.70 -2.57
N GLY A 97 16.16 -12.84 -2.35
CA GLY A 97 15.16 -13.09 -1.32
C GLY A 97 15.71 -13.41 0.07
N TRP A 98 14.93 -14.20 0.81
CA TRP A 98 15.25 -14.62 2.17
C TRP A 98 16.16 -15.82 2.17
N SER A 99 16.81 -16.01 3.32
CA SER A 99 17.76 -17.11 3.57
C SER A 99 17.77 -17.45 5.06
N SER A 100 18.35 -18.59 5.42
CA SER A 100 18.36 -18.99 6.81
C SER A 100 19.25 -20.20 7.15
N CYS A 101 19.43 -20.42 8.45
CA CYS A 101 20.25 -21.50 8.97
C CYS A 101 19.53 -22.82 8.93
N CYS A 102 18.22 -22.74 8.75
CA CYS A 102 17.42 -23.94 8.65
C CYS A 102 16.24 -23.69 7.74
N PRO A 103 16.51 -23.51 6.42
CA PRO A 103 15.59 -23.27 5.30
C PRO A 103 14.33 -24.10 5.33
N GLU A 104 14.49 -25.36 5.71
CA GLU A 104 13.38 -26.30 5.82
C GLU A 104 12.39 -25.86 6.90
N ARG A 105 12.86 -25.48 8.08
CA ARG A 105 11.94 -25.05 9.16
C ARG A 105 11.42 -23.65 8.87
N THR A 106 12.32 -22.80 8.40
CA THR A 106 11.91 -21.45 8.10
C THR A 106 10.73 -21.59 7.15
N SER A 107 10.93 -22.32 6.08
CA SER A 107 9.91 -22.53 5.07
C SER A 107 8.73 -23.42 5.52
N GLN A 108 8.72 -23.81 6.78
CA GLN A 108 7.66 -24.66 7.26
C GLN A 108 6.72 -23.83 8.04
N LEU A 109 7.29 -23.01 8.91
CA LEU A 109 6.53 -22.13 9.78
C LEU A 109 5.93 -20.92 9.06
N PHE A 110 6.73 -20.26 8.26
CA PHE A 110 6.28 -19.07 7.57
C PHE A 110 5.85 -19.31 6.13
N ASP A 111 6.11 -20.49 5.59
CA ASP A 111 5.75 -20.77 4.19
C ASP A 111 6.30 -19.69 3.25
N LEU A 112 7.62 -19.49 3.32
CA LEU A 112 8.34 -18.53 2.50
C LEU A 112 9.54 -19.16 1.86
N PRO A 113 9.82 -18.80 0.61
CA PRO A 113 10.95 -19.34 -0.15
C PRO A 113 12.33 -18.99 0.48
N CYS A 114 12.79 -19.89 1.37
CA CYS A 114 14.05 -19.73 2.10
C CYS A 114 15.27 -20.47 1.51
N SER A 115 16.30 -19.70 1.19
CA SER A 115 17.53 -20.24 0.65
C SER A 115 18.40 -20.51 1.86
N LYS A 116 19.46 -21.30 1.67
CA LYS A 116 20.37 -21.60 2.76
C LYS A 116 21.30 -20.41 3.03
N LEU A 117 21.32 -19.94 4.28
CA LEU A 117 22.19 -18.82 4.67
C LEU A 117 23.65 -19.27 4.78
N SER A 118 24.47 -18.79 3.85
CA SER A 118 25.87 -19.16 3.84
C SER A 118 26.79 -17.97 4.07
N VAL A 119 28.05 -18.24 4.39
CA VAL A 119 29.04 -17.20 4.61
C VAL A 119 29.22 -16.53 3.27
N GLY A 120 29.36 -15.22 3.28
CA GLY A 120 29.55 -14.49 2.04
C GLY A 120 28.27 -13.76 1.66
N ASP A 121 27.15 -14.24 2.18
CA ASP A 121 25.87 -13.62 1.88
C ASP A 121 25.79 -12.20 2.35
N VAL A 122 25.57 -11.29 1.42
CA VAL A 122 25.42 -9.86 1.72
C VAL A 122 23.96 -9.60 2.18
N CYS A 123 23.76 -9.35 3.46
CA CYS A 123 22.41 -9.11 3.92
C CYS A 123 21.99 -7.68 4.05
N ILE A 124 20.72 -7.51 4.38
CA ILE A 124 20.12 -6.21 4.56
C ILE A 124 19.90 -5.95 6.05
N SER A 125 20.35 -4.78 6.46
CA SER A 125 20.19 -4.35 7.82
C SER A 125 19.85 -2.89 7.76
N LEU A 126 19.32 -2.40 8.85
CA LEU A 126 19.01 -1.00 8.92
C LEU A 126 19.93 -0.35 9.93
N THR A 127 19.86 0.97 9.96
CA THR A 127 20.64 1.77 10.88
C THR A 127 20.23 3.23 10.68
N LEU A 128 20.53 4.06 11.67
CA LEU A 128 20.19 5.47 11.59
C LEU A 128 21.20 6.31 10.84
N LYS A 129 20.67 7.24 10.04
CA LYS A 129 21.45 8.20 9.24
C LYS A 129 20.72 8.55 7.95
N ALA B 7 -28.19 19.26 2.08
CA ALA B 7 -26.77 19.72 1.98
C ALA B 7 -25.99 18.78 1.09
N PRO B 8 -24.81 19.21 0.62
CA PRO B 8 -23.96 18.37 -0.24
C PRO B 8 -23.10 17.37 0.53
N PRO B 9 -22.55 16.39 -0.18
CA PRO B 9 -21.72 15.42 0.53
C PRO B 9 -20.31 15.95 0.77
N THR B 10 -19.90 15.92 2.03
CA THR B 10 -18.56 16.36 2.42
C THR B 10 -17.62 15.24 1.98
N LEU B 11 -16.38 15.58 1.63
CA LEU B 11 -15.39 14.58 1.19
C LEU B 11 -15.09 13.54 2.28
N PRO B 12 -15.18 12.27 1.89
CA PRO B 12 -14.93 11.13 2.77
C PRO B 12 -13.41 11.00 2.98
N PRO B 13 -13.01 10.44 4.13
CA PRO B 13 -11.60 10.26 4.50
C PRO B 13 -10.72 9.67 3.41
N TYR B 14 -11.27 8.70 2.70
CA TYR B 14 -10.53 8.01 1.68
C TYR B 14 -10.04 8.83 0.50
N PHE B 15 -10.14 10.14 0.57
CA PHE B 15 -9.66 10.97 -0.54
C PHE B 15 -8.28 11.47 -0.17
N MET B 16 -7.99 11.38 1.11
CA MET B 16 -6.70 11.73 1.66
C MET B 16 -5.61 10.97 0.93
N LYS B 17 -4.52 11.67 0.59
CA LYS B 17 -3.38 11.07 -0.11
C LYS B 17 -2.84 9.86 0.69
N GLY B 18 -2.66 8.74 0.01
CA GLY B 18 -2.18 7.56 0.70
C GLY B 18 -3.23 6.71 1.38
N SER B 19 -4.50 7.07 1.27
CA SER B 19 -5.57 6.26 1.88
C SER B 19 -5.52 4.98 1.07
N ILE B 20 -5.75 3.85 1.71
CA ILE B 20 -5.66 2.61 0.95
C ILE B 20 -6.95 2.04 0.40
N ILE B 21 -6.87 1.64 -0.86
CA ILE B 21 -7.97 1.07 -1.59
C ILE B 21 -7.77 -0.42 -1.91
N GLN B 22 -8.60 -1.29 -1.36
CA GLN B 22 -8.46 -2.72 -1.67
C GLN B 22 -9.20 -2.97 -2.96
N LEU B 23 -8.48 -3.45 -3.98
CA LEU B 23 -9.09 -3.74 -5.28
C LEU B 23 -9.93 -4.99 -5.18
N ALA B 24 -10.58 -5.35 -6.28
CA ALA B 24 -11.45 -6.52 -6.29
C ALA B 24 -10.69 -7.81 -6.01
N ASN B 25 -9.40 -7.83 -6.38
CA ASN B 25 -8.58 -9.02 -6.17
C ASN B 25 -7.77 -9.04 -4.89
N GLY B 26 -8.28 -8.45 -3.81
CA GLY B 26 -7.54 -8.46 -2.55
C GLY B 26 -6.38 -7.47 -2.45
N GLU B 27 -5.89 -7.03 -3.59
CA GLU B 27 -4.81 -6.07 -3.66
C GLU B 27 -5.05 -4.82 -2.79
N LEU B 28 -4.01 -4.02 -2.59
CA LEU B 28 -4.09 -2.82 -1.78
C LEU B 28 -3.34 -1.69 -2.50
N LYS B 29 -4.11 -0.76 -3.06
CA LYS B 29 -3.52 0.34 -3.80
C LYS B 29 -3.75 1.66 -3.11
N LYS B 30 -2.83 2.59 -3.32
CA LYS B 30 -2.97 3.90 -2.72
C LYS B 30 -3.92 4.64 -3.63
N VAL B 31 -4.83 5.39 -3.01
CA VAL B 31 -5.81 6.12 -3.77
C VAL B 31 -5.24 6.99 -4.88
N GLU B 32 -4.12 7.67 -4.62
CA GLU B 32 -3.54 8.53 -5.65
C GLU B 32 -2.93 7.76 -6.81
N ASP B 33 -2.72 6.46 -6.62
CA ASP B 33 -2.12 5.66 -7.67
C ASP B 33 -3.10 4.91 -8.53
N LEU B 34 -4.38 4.97 -8.18
CA LEU B 34 -5.40 4.25 -8.95
C LEU B 34 -5.41 4.67 -10.40
N LYS B 35 -5.71 3.71 -11.26
CA LYS B 35 -5.74 3.97 -12.69
C LYS B 35 -7.05 3.51 -13.31
N THR B 36 -7.37 4.12 -14.43
CA THR B 36 -8.57 3.83 -15.18
C THR B 36 -8.70 2.36 -15.51
N GLU B 37 -7.58 1.66 -15.62
CA GLU B 37 -7.63 0.23 -15.93
C GLU B 37 -7.96 -0.54 -14.66
N ASP B 38 -7.59 0.02 -13.51
CA ASP B 38 -7.83 -0.62 -12.22
C ASP B 38 -9.31 -0.78 -11.97
N PHE B 39 -10.07 0.19 -12.44
CA PHE B 39 -11.50 0.12 -12.26
C PHE B 39 -12.06 -0.90 -13.21
N ILE B 40 -11.82 -0.69 -14.49
CA ILE B 40 -12.28 -1.62 -15.50
C ILE B 40 -12.04 -3.07 -15.08
N GLN B 41 -10.77 -3.44 -14.94
CA GLN B 41 -10.41 -4.78 -14.54
C GLN B 41 -11.16 -5.26 -13.32
N SER B 42 -11.05 -4.48 -12.26
CA SER B 42 -11.67 -4.81 -10.99
C SER B 42 -13.15 -5.15 -11.09
N ALA B 43 -13.84 -4.48 -12.01
CA ALA B 43 -15.26 -4.70 -12.20
C ALA B 43 -15.48 -5.96 -13.03
N GLU B 44 -14.73 -6.10 -14.12
CA GLU B 44 -14.84 -7.27 -14.99
C GLU B 44 -14.70 -8.54 -14.20
N ILE B 45 -13.78 -8.54 -13.24
CA ILE B 45 -13.57 -9.74 -12.42
C ILE B 45 -14.69 -9.87 -11.41
N SER B 46 -15.45 -8.79 -11.22
CA SER B 46 -16.56 -8.82 -10.26
C SER B 46 -17.75 -9.53 -10.87
N ASN B 47 -18.28 -10.48 -10.14
CA ASN B 47 -19.39 -11.23 -10.64
C ASN B 47 -20.71 -10.56 -10.30
N ASP B 48 -20.65 -9.49 -9.52
CA ASP B 48 -21.85 -8.79 -9.10
C ASP B 48 -22.05 -7.38 -9.67
N LEU B 49 -20.96 -6.65 -9.88
CA LEU B 49 -21.02 -5.29 -10.41
C LEU B 49 -20.53 -5.16 -11.83
N LYS B 50 -21.08 -4.17 -12.54
CA LYS B 50 -20.70 -3.90 -13.92
C LYS B 50 -20.25 -2.44 -13.98
N ILE B 51 -19.40 -2.10 -14.95
CA ILE B 51 -18.90 -0.72 -15.09
C ILE B 51 -19.91 0.20 -15.78
N ASP B 52 -19.83 1.50 -15.50
CA ASP B 52 -20.75 2.44 -16.13
C ASP B 52 -20.16 3.83 -16.35
N SER B 53 -20.80 4.59 -17.23
CA SER B 53 -20.33 5.93 -17.53
C SER B 53 -21.35 6.97 -17.16
N SER B 54 -20.88 8.03 -16.50
CA SER B 54 -21.72 9.16 -16.14
C SER B 54 -20.98 10.29 -16.81
N THR B 55 -21.58 10.88 -17.84
CA THR B 55 -20.91 11.96 -18.53
C THR B 55 -21.32 13.33 -18.04
N VAL B 56 -20.37 14.25 -18.06
CA VAL B 56 -20.61 15.62 -17.63
C VAL B 56 -21.22 16.35 -18.80
N GLU B 57 -22.47 16.79 -18.63
CA GLU B 57 -23.18 17.50 -19.69
C GLU B 57 -22.95 19.00 -19.53
N ARG B 58 -23.10 19.50 -18.31
CA ARG B 58 -22.92 20.92 -18.01
C ARG B 58 -22.57 21.15 -16.52
N ILE B 59 -21.74 22.14 -16.25
CA ILE B 59 -21.34 22.47 -14.86
C ILE B 59 -21.75 23.90 -14.50
N GLU B 60 -22.45 24.09 -13.39
CA GLU B 60 -22.89 25.44 -12.99
C GLU B 60 -22.59 25.80 -11.53
N ASP B 61 -22.36 27.09 -11.28
CA ASP B 61 -22.11 27.53 -9.92
C ASP B 61 -23.50 27.67 -9.28
N SER B 62 -23.58 27.88 -7.98
CA SER B 62 -24.90 27.98 -7.35
C SER B 62 -25.20 29.18 -6.40
N HIS B 63 -26.30 29.05 -5.66
CA HIS B 63 -26.73 30.06 -4.69
C HIS B 63 -25.89 29.87 -3.43
N SER B 64 -25.10 28.81 -3.45
CA SER B 64 -24.24 28.45 -2.34
C SER B 64 -22.76 28.63 -2.67
N PRO B 65 -22.00 29.21 -1.73
CA PRO B 65 -20.58 29.44 -1.94
C PRO B 65 -19.78 28.15 -1.81
N GLY B 66 -18.99 27.87 -2.86
CA GLY B 66 -18.16 26.68 -2.87
C GLY B 66 -18.83 25.43 -3.43
N VAL B 67 -20.09 25.56 -3.82
CA VAL B 67 -20.82 24.43 -4.38
C VAL B 67 -21.00 24.60 -5.85
N ALA B 68 -21.32 23.52 -6.54
CA ALA B 68 -21.53 23.56 -7.97
C ALA B 68 -22.62 22.56 -8.30
N VAL B 69 -23.15 22.64 -9.52
CA VAL B 69 -24.19 21.72 -9.94
C VAL B 69 -23.78 21.15 -11.28
N ILE B 70 -23.80 19.83 -11.36
CA ILE B 70 -23.37 19.18 -12.57
C ILE B 70 -24.52 18.42 -13.16
N GLN B 71 -24.63 18.50 -14.48
CA GLN B 71 -25.66 17.79 -15.23
C GLN B 71 -24.96 16.55 -15.76
N PHE B 72 -25.47 15.39 -15.40
CA PHE B 72 -24.88 14.12 -15.82
C PHE B 72 -25.69 13.26 -16.81
N ALA B 73 -25.07 12.91 -17.92
CA ALA B 73 -25.73 12.05 -18.91
C ALA B 73 -25.51 10.62 -18.39
N VAL B 74 -26.34 10.22 -17.43
CA VAL B 74 -26.26 8.91 -16.80
C VAL B 74 -26.50 7.70 -17.70
N GLY B 75 -25.42 6.97 -18.00
CA GLY B 75 -25.52 5.78 -18.83
C GLY B 75 -25.89 6.02 -20.27
N GLU B 76 -25.88 4.95 -21.06
CA GLU B 76 -26.22 5.02 -22.48
C GLU B 76 -27.65 5.53 -22.65
N HIS B 77 -28.46 5.35 -21.62
CA HIS B 77 -29.84 5.81 -21.63
C HIS B 77 -29.77 7.34 -21.57
N ARG B 78 -28.80 7.82 -20.78
CA ARG B 78 -28.52 9.25 -20.57
C ARG B 78 -29.56 10.02 -19.75
N ALA B 79 -30.28 9.31 -18.89
CA ALA B 79 -31.29 9.94 -18.03
C ALA B 79 -30.63 11.11 -17.31
N GLN B 80 -30.84 12.31 -17.82
CA GLN B 80 -30.27 13.50 -17.22
C GLN B 80 -30.46 13.61 -15.71
N VAL B 81 -29.34 13.71 -15.01
CA VAL B 81 -29.35 13.85 -13.56
C VAL B 81 -28.52 15.07 -13.22
N SER B 82 -29.04 15.93 -12.35
CA SER B 82 -28.29 17.10 -11.95
C SER B 82 -27.99 16.90 -10.48
N VAL B 83 -26.72 16.72 -10.17
CA VAL B 83 -26.32 16.50 -8.80
C VAL B 83 -25.52 17.68 -8.30
N GLU B 84 -25.75 18.02 -7.03
CA GLU B 84 -25.09 19.17 -6.41
C GLU B 84 -23.92 18.74 -5.52
N VAL B 85 -22.73 19.25 -5.83
CA VAL B 85 -21.53 18.87 -5.09
C VAL B 85 -20.57 19.99 -4.71
N LEU B 86 -19.73 19.78 -3.68
CA LEU B 86 -18.69 20.74 -3.28
C LEU B 86 -17.76 20.76 -4.46
N VAL B 87 -17.18 21.91 -4.76
CA VAL B 87 -16.31 22.05 -5.93
C VAL B 87 -15.02 21.26 -5.84
N GLU B 88 -14.68 20.86 -4.63
CA GLU B 88 -13.45 20.13 -4.43
C GLU B 88 -13.67 18.62 -4.54
N TYR B 89 -14.94 18.19 -4.55
CA TYR B 89 -15.28 16.76 -4.66
C TYR B 89 -14.82 16.25 -6.01
N PRO B 90 -14.01 15.18 -6.01
CA PRO B 90 -13.51 14.65 -7.28
C PRO B 90 -14.17 13.41 -7.86
N PHE B 91 -14.01 13.23 -9.15
CA PHE B 91 -14.59 12.09 -9.81
C PHE B 91 -13.54 11.49 -10.70
N PHE B 92 -13.55 10.17 -10.81
CA PHE B 92 -12.59 9.51 -11.66
C PHE B 92 -13.07 9.60 -13.09
N VAL B 93 -12.28 10.19 -13.95
CA VAL B 93 -12.66 10.34 -15.33
C VAL B 93 -11.89 9.34 -16.14
N PHE B 94 -12.59 8.58 -16.98
CA PHE B 94 -11.95 7.56 -17.82
C PHE B 94 -10.78 8.13 -18.59
N GLY B 95 -9.57 7.71 -18.23
CA GLY B 95 -8.41 8.20 -18.95
C GLY B 95 -7.79 9.49 -18.48
N GLN B 96 -8.37 10.12 -17.46
CA GLN B 96 -7.83 11.38 -16.93
C GLN B 96 -7.49 11.25 -15.45
N GLY B 97 -8.17 10.32 -14.81
CA GLY B 97 -7.98 10.10 -13.38
C GLY B 97 -8.93 10.96 -12.57
N TRP B 98 -8.54 11.24 -11.33
CA TRP B 98 -9.34 12.08 -10.49
C TRP B 98 -9.46 13.44 -11.14
N SER B 99 -10.64 14.03 -10.96
CA SER B 99 -10.94 15.32 -11.52
C SER B 99 -12.03 15.91 -10.65
N SER B 100 -11.89 17.19 -10.31
CA SER B 100 -12.89 17.88 -9.51
C SER B 100 -13.00 19.20 -10.24
N CYS B 101 -13.91 20.06 -9.81
CA CYS B 101 -14.09 21.36 -10.46
C CYS B 101 -12.98 22.33 -10.11
N CYS B 102 -12.63 22.38 -8.83
CA CYS B 102 -11.54 23.24 -8.41
C CYS B 102 -10.50 22.25 -7.93
N PRO B 103 -9.66 21.75 -8.85
CA PRO B 103 -8.59 20.78 -8.60
C PRO B 103 -7.65 21.20 -7.49
N GLU B 104 -7.05 22.38 -7.62
CA GLU B 104 -6.10 22.87 -6.63
C GLU B 104 -6.65 22.91 -5.20
N ARG B 105 -7.94 23.14 -5.08
CA ARG B 105 -8.53 23.17 -3.76
C ARG B 105 -8.62 21.76 -3.24
N THR B 106 -8.92 20.82 -4.14
CA THR B 106 -9.01 19.40 -3.82
C THR B 106 -7.62 19.00 -3.36
N SER B 107 -6.64 19.35 -4.21
CA SER B 107 -5.24 19.08 -3.98
C SER B 107 -4.71 19.73 -2.71
N GLN B 108 -5.09 20.98 -2.48
CA GLN B 108 -4.61 21.69 -1.32
C GLN B 108 -5.05 21.09 -0.02
N LEU B 109 -6.19 20.39 -0.02
CA LEU B 109 -6.71 19.80 1.20
C LEU B 109 -6.47 18.32 1.35
N PHE B 110 -6.48 17.58 0.23
CA PHE B 110 -6.27 16.15 0.31
C PHE B 110 -4.99 15.71 -0.36
N ASP B 111 -4.08 16.67 -0.53
CA ASP B 111 -2.82 16.39 -1.18
C ASP B 111 -3.04 15.37 -2.28
N LEU B 112 -4.17 15.52 -2.96
CA LEU B 112 -4.52 14.61 -4.03
C LEU B 112 -4.40 15.34 -5.36
N PRO B 113 -3.34 15.07 -6.14
CA PRO B 113 -3.22 15.78 -7.42
C PRO B 113 -4.49 15.54 -8.23
N CYS B 114 -5.28 16.58 -8.38
CA CYS B 114 -6.52 16.48 -9.11
C CYS B 114 -6.47 17.19 -10.47
N SER B 115 -7.40 16.83 -11.34
CA SER B 115 -7.46 17.45 -12.65
C SER B 115 -8.73 18.25 -12.71
N LYS B 116 -8.79 19.18 -13.66
CA LYS B 116 -9.96 20.03 -13.82
C LYS B 116 -11.08 19.26 -14.50
N LEU B 117 -12.06 18.82 -13.72
CA LEU B 117 -13.18 18.09 -14.25
C LEU B 117 -13.92 18.91 -15.29
N SER B 118 -13.54 18.79 -16.55
CA SER B 118 -14.16 19.53 -17.64
C SER B 118 -15.49 18.93 -18.07
N VAL B 119 -16.12 19.50 -19.08
CA VAL B 119 -17.40 18.99 -19.55
C VAL B 119 -17.14 17.90 -20.56
N GLY B 120 -18.06 16.97 -20.69
CA GLY B 120 -17.87 15.88 -21.62
C GLY B 120 -17.06 14.77 -21.00
N ASP B 121 -16.45 15.04 -19.85
CA ASP B 121 -15.66 14.04 -19.15
C ASP B 121 -16.54 12.87 -18.76
N VAL B 122 -16.05 11.66 -18.99
CA VAL B 122 -16.83 10.48 -18.64
C VAL B 122 -16.44 10.04 -17.25
N CYS B 123 -17.39 10.05 -16.33
CA CYS B 123 -17.13 9.64 -14.96
C CYS B 123 -17.42 8.20 -14.70
N ILE B 124 -16.52 7.57 -13.98
CA ILE B 124 -16.71 6.18 -13.67
C ILE B 124 -17.83 6.09 -12.67
N SER B 125 -18.84 5.28 -12.98
CA SER B 125 -19.96 5.06 -12.06
C SER B 125 -20.11 3.54 -12.00
N LEU B 126 -21.18 3.05 -11.40
CA LEU B 126 -21.35 1.61 -11.35
C LEU B 126 -22.76 1.16 -11.01
N THR B 127 -23.24 0.18 -11.78
CA THR B 127 -24.55 -0.43 -11.54
C THR B 127 -24.17 -1.89 -11.45
N LEU B 128 -25.06 -2.71 -10.92
CA LEU B 128 -24.75 -4.12 -10.86
C LEU B 128 -25.32 -4.88 -12.08
N LYS B 129 -24.72 -6.02 -12.44
CA LYS B 129 -25.18 -6.81 -13.58
C LYS B 129 -26.04 -8.01 -13.15
N MET C 1 -28.28 7.68 -9.43
CA MET C 1 -26.88 8.04 -9.07
C MET C 1 -26.77 8.68 -7.70
N PHE C 2 -25.81 8.20 -6.94
CA PHE C 2 -25.57 8.73 -5.60
C PHE C 2 -24.21 8.27 -5.12
N VAL C 3 -23.52 9.18 -4.44
CA VAL C 3 -22.21 8.91 -3.92
C VAL C 3 -22.35 8.08 -2.63
N TRP C 4 -21.35 7.26 -2.33
CA TRP C 4 -21.36 6.43 -1.12
C TRP C 4 -20.81 7.22 0.06
N THR C 5 -21.72 7.78 0.85
CA THR C 5 -21.30 8.59 1.99
C THR C 5 -20.87 7.79 3.20
N ASN C 6 -21.83 7.34 4.00
CA ASN C 6 -21.53 6.59 5.21
C ASN C 6 -20.87 5.21 4.94
N VAL C 7 -19.62 5.25 4.47
CA VAL C 7 -18.83 4.05 4.16
C VAL C 7 -17.79 3.78 5.23
N GLU C 8 -17.97 2.73 6.02
CA GLU C 8 -17.01 2.39 7.06
C GLU C 8 -15.84 1.63 6.44
N PRO C 9 -14.64 1.80 7.00
CA PRO C 9 -13.48 1.11 6.46
C PRO C 9 -13.33 -0.28 7.07
N ARG C 10 -12.28 -0.96 6.63
CA ARG C 10 -11.95 -2.28 7.12
C ARG C 10 -10.60 -2.06 7.78
N SER C 11 -10.42 -2.61 8.97
CA SER C 11 -9.14 -2.47 9.67
C SER C 11 -8.22 -3.67 9.42
N VAL C 12 -7.01 -3.35 9.01
CA VAL C 12 -6.04 -4.38 8.73
C VAL C 12 -4.79 -4.19 9.56
N ALA C 13 -4.51 -5.10 10.49
CA ALA C 13 -3.29 -4.98 11.31
C ALA C 13 -2.08 -5.07 10.35
N VAL C 14 -1.26 -4.03 10.34
CA VAL C 14 -0.11 -3.96 9.44
C VAL C 14 1.22 -3.96 10.18
N PHE C 15 2.30 -4.26 9.44
CA PHE C 15 3.65 -4.27 10.00
C PHE C 15 4.60 -3.34 9.24
N PRO C 16 5.50 -2.66 9.97
CA PRO C 16 6.48 -1.72 9.39
C PRO C 16 7.59 -2.45 8.68
N TRP C 17 7.89 -2.08 7.45
CA TRP C 17 9.00 -2.75 6.77
C TRP C 17 10.26 -2.80 7.65
N HIS C 18 10.69 -1.65 8.14
CA HIS C 18 11.90 -1.61 8.93
C HIS C 18 11.97 -2.61 10.08
N SER C 19 10.86 -3.27 10.35
CA SER C 19 10.84 -4.21 11.45
C SER C 19 11.34 -5.62 11.07
N LEU C 20 11.33 -5.89 9.76
CA LEU C 20 11.73 -7.18 9.21
C LEU C 20 13.19 -7.34 9.00
N VAL C 21 13.96 -6.39 9.48
CA VAL C 21 15.39 -6.45 9.28
C VAL C 21 16.17 -6.07 10.51
N PRO C 22 17.33 -6.70 10.68
CA PRO C 22 18.11 -6.36 11.85
C PRO C 22 18.61 -4.92 11.82
N PHE C 23 18.46 -4.25 12.95
CA PHE C 23 18.90 -2.87 13.11
C PHE C 23 20.30 -2.91 13.77
N LEU C 24 21.33 -2.35 13.14
CA LEU C 24 22.67 -2.39 13.76
C LEU C 24 23.00 -1.13 14.62
N ALA C 25 23.72 -1.26 15.72
CA ALA C 25 24.02 -0.04 16.54
C ALA C 25 24.87 -0.10 17.81
N MET D 1 24.67 -5.89 16.50
CA MET D 1 23.30 -5.59 16.02
C MET D 1 22.27 -6.27 16.88
N PHE D 2 21.01 -6.18 16.47
CA PHE D 2 19.92 -6.78 17.21
C PHE D 2 18.66 -6.86 16.35
N VAL D 3 17.92 -7.94 16.50
CA VAL D 3 16.70 -8.13 15.74
C VAL D 3 15.53 -7.55 16.51
N TRP D 4 14.51 -7.08 15.81
CA TRP D 4 13.36 -6.50 16.48
C TRP D 4 12.51 -7.54 17.19
N THR D 5 12.16 -7.22 18.42
CA THR D 5 11.39 -8.11 19.27
C THR D 5 9.90 -7.80 19.46
N ASN D 6 9.55 -7.30 20.64
CA ASN D 6 8.15 -6.99 20.98
C ASN D 6 7.56 -5.80 20.26
N VAL D 7 7.34 -5.94 18.96
CA VAL D 7 6.76 -4.87 18.16
C VAL D 7 5.35 -5.24 17.75
N GLU D 8 4.35 -4.67 18.42
CA GLU D 8 2.96 -4.97 18.07
C GLU D 8 2.66 -4.31 16.72
N PRO D 9 1.50 -4.66 16.12
CA PRO D 9 1.16 -4.08 14.81
C PRO D 9 0.45 -2.73 14.79
N ARG D 10 0.53 -2.10 13.63
CA ARG D 10 -0.16 -0.84 13.40
C ARG D 10 -1.56 -1.26 12.97
N SER D 11 -2.40 -0.29 12.62
CA SER D 11 -3.74 -0.58 12.13
C SER D 11 -3.89 0.33 10.93
N VAL D 12 -4.65 -0.10 9.93
CA VAL D 12 -4.78 0.74 8.75
C VAL D 12 -6.14 0.58 8.12
N ALA D 13 -6.74 1.70 7.73
CA ALA D 13 -8.06 1.69 7.16
C ALA D 13 -8.04 1.39 5.68
N VAL D 14 -8.75 0.33 5.33
CA VAL D 14 -8.80 -0.08 3.92
C VAL D 14 -10.16 0.24 3.33
N PHE D 15 -10.18 0.72 2.09
CA PHE D 15 -11.45 1.07 1.47
C PHE D 15 -11.78 0.30 0.20
N PRO D 16 -13.01 -0.30 0.19
CA PRO D 16 -13.46 -1.06 -0.96
C PRO D 16 -13.62 -0.24 -2.23
N TRP D 17 -12.70 -0.43 -3.11
CA TRP D 17 -12.66 0.24 -4.41
C TRP D 17 -14.02 0.67 -4.94
N HIS D 18 -15.02 -0.19 -4.85
CA HIS D 18 -16.32 0.15 -5.38
C HIS D 18 -16.96 1.33 -4.67
N SER D 19 -16.68 1.54 -3.39
CA SER D 19 -17.31 2.67 -2.71
C SER D 19 -16.72 4.05 -3.01
N LEU D 20 -16.03 4.17 -4.12
CA LEU D 20 -15.37 5.42 -4.50
C LEU D 20 -15.90 5.91 -5.83
N VAL D 21 -17.12 5.54 -6.15
CA VAL D 21 -17.66 5.95 -7.42
C VAL D 21 -19.14 6.13 -7.28
N PRO D 22 -19.77 6.92 -8.18
CA PRO D 22 -21.22 7.07 -8.01
C PRO D 22 -21.90 5.77 -8.47
N PHE D 23 -22.99 5.42 -7.80
CA PHE D 23 -23.73 4.21 -8.13
C PHE D 23 -25.01 4.53 -8.89
N LEU D 24 -25.12 4.08 -10.14
CA LEU D 24 -26.32 4.32 -10.94
C LEU D 24 -27.49 3.35 -10.63
N ALA D 25 -28.70 3.73 -11.07
CA ALA D 25 -29.90 2.91 -10.84
C ALA D 25 -30.85 3.02 -12.03
#